data_9PJG
#
_entry.id   9PJG
#
_cell.length_a   68.030
_cell.length_b   100.113
_cell.length_c   103.200
_cell.angle_alpha   90.000
_cell.angle_beta   90.000
_cell.angle_gamma   90.000
#
_symmetry.space_group_name_H-M   'P 21 21 21'
#
loop_
_entity.id
_entity.type
_entity.pdbx_description
1 polymer '3C-like proteinase nsp5'
2 polymer '(P6S)L(ELL) peptide'
3 water water
#
loop_
_entity_poly.entity_id
_entity_poly.type
_entity_poly.pdbx_seq_one_letter_code
_entity_poly.pdbx_strand_id
1 'polypeptide(L)'
;SGFRKMAFPSGKVEGCMVQVTCGTTTLNGLWLDDVVYCPRHVICTSEDMLNPNYEDLLIRKSNHNFLVQAGNVQLRVIGH
SMQNCVLKLKVDTANPKTPKYKFVRIQPGQTFSVLACYNGSPSGVYQCAMRPNFTIKGSFLNGSCGSVGFNIDYDCVSFC
YMHHMELPTGVHAGTDLEGNFYGPFVDRQTAQAAGTDTTITVNVLAWLYAAVINGDRWFLNRFTTTLNDFNLVAMKYNYE
PLTQDHVDILGPLSAQTGIAVLDMCASLKELLQNGMNGRTILGSALLEDEFTPFDVVRQCSGVTFQ
;
A,B
2 'polypeptide(L)' (P6S)L(ELL) C,D
#
# COMPACT_ATOMS: atom_id res chain seq x y z
N SER A 1 9.05 14.28 3.54
CA SER A 1 10.05 13.24 3.51
C SER A 1 9.41 11.90 3.83
N GLY A 2 10.24 10.85 3.83
CA GLY A 2 9.75 9.50 3.90
C GLY A 2 9.63 8.89 2.51
N PHE A 3 9.53 7.57 2.46
CA PHE A 3 9.33 6.91 1.17
C PHE A 3 8.66 5.57 1.41
N ARG A 4 7.47 5.38 0.85
CA ARG A 4 6.68 4.19 1.15
C ARG A 4 6.22 3.55 -0.15
N LYS A 5 5.94 2.25 -0.10
CA LYS A 5 5.24 1.63 -1.23
C LYS A 5 3.83 2.17 -1.19
N MET A 6 3.50 3.07 -2.09
CA MET A 6 2.23 3.80 -2.00
C MET A 6 1.33 3.37 -3.13
N ALA A 7 0.14 2.91 -2.80
CA ALA A 7 -0.84 2.55 -3.81
C ALA A 7 -1.72 3.75 -4.15
N PHE A 8 -2.47 3.64 -5.24
CA PHE A 8 -3.50 4.66 -5.47
C PHE A 8 -4.70 4.43 -4.56
N PRO A 9 -5.43 5.50 -4.21
CA PRO A 9 -6.68 5.33 -3.46
C PRO A 9 -7.63 4.44 -4.27
N SER A 10 -8.29 3.50 -3.58
CA SER A 10 -8.96 2.42 -4.30
C SER A 10 -10.45 2.66 -4.54
N GLY A 11 -11.01 3.79 -4.07
CA GLY A 11 -12.48 3.96 -4.09
C GLY A 11 -13.07 3.87 -5.49
N LYS A 12 -12.42 4.49 -6.47
CA LYS A 12 -12.97 4.48 -7.84
C LYS A 12 -13.08 3.07 -8.39
N VAL A 13 -12.20 2.17 -7.97
CA VAL A 13 -12.26 0.77 -8.41
C VAL A 13 -13.23 -0.05 -7.54
N GLU A 14 -13.26 0.22 -6.21
CA GLU A 14 -14.18 -0.50 -5.35
C GLU A 14 -15.60 -0.43 -5.88
N GLY A 15 -15.98 0.75 -6.40
CA GLY A 15 -17.37 0.89 -6.88
C GLY A 15 -17.69 0.08 -8.13
N CYS A 16 -16.68 -0.57 -8.73
CA CYS A 16 -16.87 -1.37 -9.93
C CYS A 16 -16.83 -2.87 -9.65
N MET A 17 -16.55 -3.29 -8.41
CA MET A 17 -16.36 -4.72 -8.21
C MET A 17 -17.68 -5.43 -7.96
N VAL A 18 -17.85 -6.58 -8.63
CA VAL A 18 -19.06 -7.39 -8.47
C VAL A 18 -18.65 -8.85 -8.32
N GLN A 19 -19.63 -9.68 -7.99
CA GLN A 19 -19.41 -11.12 -7.89
C GLN A 19 -20.04 -11.78 -9.11
N VAL A 20 -19.33 -12.69 -9.77
CA VAL A 20 -19.91 -13.46 -10.87
C VAL A 20 -19.89 -14.94 -10.51
N THR A 21 -21.02 -15.61 -10.74
CA THR A 21 -21.12 -17.04 -10.45
C THR A 21 -21.65 -17.76 -11.69
N CYS A 22 -21.01 -18.86 -12.04
CA CYS A 22 -21.48 -19.72 -13.11
C CYS A 22 -21.31 -21.13 -12.57
N GLY A 23 -22.41 -21.85 -12.44
CA GLY A 23 -22.35 -23.18 -11.84
C GLY A 23 -22.03 -23.09 -10.36
N THR A 24 -20.98 -23.80 -9.93
CA THR A 24 -20.50 -23.68 -8.56
C THR A 24 -19.28 -22.78 -8.46
N THR A 25 -18.86 -22.15 -9.55
CA THR A 25 -17.66 -21.30 -9.55
C THR A 25 -18.05 -19.85 -9.33
N THR A 26 -17.40 -19.20 -8.37
CA THR A 26 -17.63 -17.78 -8.10
C THR A 26 -16.28 -17.06 -8.16
N LEU A 27 -16.25 -15.90 -8.82
CA LEU A 27 -15.06 -15.03 -8.78
C LEU A 27 -15.52 -13.59 -8.91
N ASN A 28 -14.57 -12.66 -9.08
CA ASN A 28 -14.92 -11.24 -9.17
C ASN A 28 -15.03 -10.80 -10.62
N GLY A 29 -15.88 -9.79 -10.84
CA GLY A 29 -15.97 -9.13 -12.13
C GLY A 29 -15.83 -7.63 -11.95
N LEU A 30 -15.53 -6.96 -13.06
CA LEU A 30 -15.34 -5.49 -13.09
C LEU A 30 -16.49 -4.92 -13.91
N TRP A 31 -17.34 -4.11 -13.26
CA TRP A 31 -18.56 -3.58 -13.88
C TRP A 31 -18.27 -2.14 -14.31
N LEU A 32 -18.16 -1.92 -15.63
CA LEU A 32 -17.90 -0.60 -16.19
C LEU A 32 -19.00 -0.33 -17.20
N ASP A 33 -19.69 0.80 -17.05
CA ASP A 33 -20.88 1.10 -17.88
C ASP A 33 -21.80 -0.13 -17.81
N ASP A 34 -22.26 -0.68 -18.94
CA ASP A 34 -23.16 -1.83 -18.87
C ASP A 34 -22.47 -3.16 -19.22
N VAL A 35 -21.18 -3.30 -18.90
CA VAL A 35 -20.46 -4.54 -19.20
C VAL A 35 -19.74 -4.98 -17.94
N VAL A 36 -19.79 -6.28 -17.66
CA VAL A 36 -19.03 -6.90 -16.58
C VAL A 36 -17.95 -7.74 -17.22
N TYR A 37 -16.69 -7.46 -16.88
CA TYR A 37 -15.52 -8.21 -17.38
C TYR A 37 -15.08 -9.22 -16.32
N CYS A 38 -14.81 -10.46 -16.70
CA CYS A 38 -14.28 -11.38 -15.70
C CYS A 38 -13.49 -12.48 -16.42
N PRO A 39 -12.71 -13.27 -15.69
CA PRO A 39 -11.95 -14.32 -16.35
C PRO A 39 -12.88 -15.36 -16.94
N ARG A 40 -12.52 -15.83 -18.15
CA ARG A 40 -13.44 -16.80 -18.76
C ARG A 40 -13.44 -18.15 -18.04
N HIS A 41 -12.44 -18.46 -17.21
CA HIS A 41 -12.52 -19.76 -16.55
C HIS A 41 -13.63 -19.86 -15.51
N VAL A 42 -14.44 -18.82 -15.33
CA VAL A 42 -15.62 -18.99 -14.50
C VAL A 42 -16.55 -20.03 -15.12
N ILE A 43 -16.41 -20.36 -16.43
CA ILE A 43 -17.34 -21.34 -17.03
C ILE A 43 -16.78 -22.77 -17.01
N CYS A 44 -15.62 -22.98 -16.38
CA CYS A 44 -15.04 -24.32 -16.29
C CYS A 44 -15.63 -25.11 -15.13
N THR A 45 -15.67 -26.43 -15.27
CA THR A 45 -15.94 -27.30 -14.13
C THR A 45 -14.67 -28.05 -13.72
N SER A 46 -14.80 -28.99 -12.78
CA SER A 46 -13.65 -29.76 -12.31
C SER A 46 -13.04 -30.64 -13.40
N GLU A 47 -13.87 -31.30 -14.20
CA GLU A 47 -13.31 -32.10 -15.29
C GLU A 47 -12.79 -31.23 -16.45
N ASP A 48 -12.84 -29.92 -16.33
CA ASP A 48 -12.50 -29.01 -17.41
C ASP A 48 -11.16 -28.35 -17.26
N MET A 49 -10.44 -28.57 -16.16
CA MET A 49 -9.38 -27.60 -15.88
C MET A 49 -8.12 -27.78 -16.72
N LEU A 50 -7.85 -28.97 -17.28
CA LEU A 50 -6.57 -29.13 -17.97
C LEU A 50 -6.62 -28.68 -19.41
N ASN A 51 -7.72 -29.01 -20.11
CA ASN A 51 -7.84 -28.70 -21.54
C ASN A 51 -9.24 -28.21 -21.86
N PRO A 52 -9.71 -27.17 -21.19
CA PRO A 52 -11.06 -26.69 -21.47
C PRO A 52 -11.15 -26.20 -22.90
N ASN A 53 -12.29 -26.47 -23.53
CA ASN A 53 -12.57 -25.93 -24.84
C ASN A 53 -13.56 -24.80 -24.56
N TYR A 54 -13.05 -23.57 -24.44
CA TYR A 54 -13.94 -22.52 -23.94
C TYR A 54 -15.06 -22.21 -24.90
N GLU A 55 -14.81 -22.29 -26.23
CA GLU A 55 -15.90 -22.02 -27.18
C GLU A 55 -17.04 -23.04 -26.98
N ASP A 56 -16.68 -24.30 -26.75
CA ASP A 56 -17.70 -25.34 -26.55
C ASP A 56 -18.40 -25.18 -25.21
N LEU A 57 -17.65 -24.76 -24.17
CA LEU A 57 -18.29 -24.53 -22.88
C LEU A 57 -19.23 -23.35 -22.94
N LEU A 58 -18.85 -22.31 -23.66
CA LEU A 58 -19.67 -21.10 -23.64
C LEU A 58 -20.95 -21.23 -24.45
N ILE A 59 -20.92 -21.97 -25.57
CA ILE A 59 -22.14 -22.05 -26.38
C ILE A 59 -23.26 -22.75 -25.61
N ARG A 60 -22.91 -23.53 -24.59
CA ARG A 60 -23.88 -24.27 -23.78
C ARG A 60 -24.50 -23.41 -22.69
N LYS A 61 -24.07 -22.18 -22.57
CA LYS A 61 -24.63 -21.29 -21.54
C LYS A 61 -25.63 -20.33 -22.17
N SER A 62 -26.67 -20.05 -21.41
CA SER A 62 -27.56 -18.93 -21.70
C SER A 62 -27.20 -17.75 -20.81
N ASN A 63 -27.80 -16.60 -21.10
CA ASN A 63 -27.56 -15.41 -20.28
C ASN A 63 -27.90 -15.67 -18.81
N HIS A 64 -28.99 -16.38 -18.55
CA HIS A 64 -29.43 -16.59 -17.17
C HIS A 64 -28.62 -17.63 -16.41
N ASN A 65 -27.64 -18.30 -17.03
CA ASN A 65 -26.69 -19.14 -16.29
C ASN A 65 -25.63 -18.32 -15.54
N PHE A 66 -25.50 -17.04 -15.84
CA PHE A 66 -24.56 -16.16 -15.16
C PHE A 66 -25.30 -15.35 -14.10
N LEU A 67 -24.86 -15.45 -12.85
CA LEU A 67 -25.47 -14.69 -11.75
C LEU A 67 -24.48 -13.60 -11.37
N VAL A 68 -24.85 -12.34 -11.55
CA VAL A 68 -23.95 -11.22 -11.25
C VAL A 68 -24.57 -10.44 -10.12
N GLN A 69 -23.83 -10.25 -9.04
CA GLN A 69 -24.37 -9.59 -7.83
C GLN A 69 -23.49 -8.40 -7.52
N ALA A 70 -24.10 -7.20 -7.42
CA ALA A 70 -23.38 -5.99 -7.06
C ALA A 70 -23.89 -5.60 -5.69
N GLY A 71 -23.06 -5.77 -4.68
CA GLY A 71 -23.56 -5.63 -3.33
C GLY A 71 -24.71 -6.61 -3.10
N ASN A 72 -25.88 -6.06 -2.79
CA ASN A 72 -27.08 -6.84 -2.52
C ASN A 72 -28.01 -6.98 -3.72
N VAL A 73 -27.64 -6.42 -4.88
CA VAL A 73 -28.54 -6.31 -6.03
C VAL A 73 -28.10 -7.30 -7.08
N GLN A 74 -29.03 -8.07 -7.64
CA GLN A 74 -28.68 -8.92 -8.79
C GLN A 74 -28.78 -8.11 -10.06
N LEU A 75 -27.76 -8.18 -10.91
CA LEU A 75 -27.81 -7.58 -12.23
C LEU A 75 -28.33 -8.60 -13.23
N ARG A 76 -29.06 -8.13 -14.21
CA ARG A 76 -29.59 -9.04 -15.24
C ARG A 76 -28.66 -9.11 -16.44
N VAL A 77 -28.19 -10.32 -16.77
CA VAL A 77 -27.30 -10.48 -17.90
C VAL A 77 -28.15 -10.57 -19.15
N ILE A 78 -27.86 -9.70 -20.13
CA ILE A 78 -28.65 -9.67 -21.36
C ILE A 78 -27.83 -10.01 -22.59
N GLY A 79 -26.53 -10.30 -22.41
CA GLY A 79 -25.72 -10.81 -23.52
C GLY A 79 -24.37 -11.25 -22.99
N HIS A 80 -23.68 -12.07 -23.78
CA HIS A 80 -22.32 -12.46 -23.34
C HIS A 80 -21.46 -12.69 -24.58
N SER A 81 -20.17 -12.40 -24.43
CA SER A 81 -19.22 -12.74 -25.47
C SER A 81 -17.85 -12.97 -24.83
N MET A 82 -16.98 -13.65 -25.55
CA MET A 82 -15.66 -13.95 -25.05
C MET A 82 -14.69 -13.18 -25.91
N GLN A 83 -13.73 -12.50 -25.28
CA GLN A 83 -12.66 -11.84 -26.01
C GLN A 83 -11.36 -12.35 -25.42
N ASN A 84 -10.62 -13.15 -26.21
CA ASN A 84 -9.41 -13.75 -25.67
C ASN A 84 -9.73 -14.50 -24.38
N CYS A 85 -9.07 -14.20 -23.26
CA CYS A 85 -9.31 -14.95 -22.04
C CYS A 85 -10.29 -14.25 -21.08
N VAL A 86 -11.00 -13.23 -21.53
N VAL A 86 -11.04 -13.26 -21.56
CA VAL A 86 -11.99 -12.64 -20.64
CA VAL A 86 -11.97 -12.52 -20.69
C VAL A 86 -13.37 -12.89 -21.23
C VAL A 86 -13.38 -12.70 -21.24
N LEU A 87 -14.33 -12.94 -20.34
CA LEU A 87 -15.74 -12.93 -20.70
C LEU A 87 -16.31 -11.54 -20.46
N LYS A 88 -17.11 -11.06 -21.42
CA LYS A 88 -17.81 -9.78 -21.31
C LYS A 88 -19.30 -10.06 -21.20
N LEU A 89 -19.87 -9.75 -20.04
CA LEU A 89 -21.29 -9.95 -19.81
C LEU A 89 -21.98 -8.60 -19.93
N LYS A 90 -22.91 -8.49 -20.88
CA LYS A 90 -23.70 -7.28 -21.04
C LYS A 90 -24.82 -7.35 -20.03
N VAL A 91 -24.99 -6.26 -19.26
CA VAL A 91 -26.01 -6.26 -18.23
C VAL A 91 -26.99 -5.13 -18.55
N ASP A 92 -28.15 -5.19 -17.89
CA ASP A 92 -29.23 -4.26 -18.20
C ASP A 92 -29.13 -2.93 -17.50
N THR A 93 -28.14 -2.75 -16.61
CA THR A 93 -27.95 -1.52 -15.86
C THR A 93 -26.54 -1.01 -16.11
N ALA A 94 -26.40 0.28 -16.43
CA ALA A 94 -25.05 0.82 -16.44
C ALA A 94 -24.63 1.14 -15.00
N ASN A 95 -23.37 0.88 -14.68
CA ASN A 95 -22.90 1.16 -13.31
C ASN A 95 -22.87 2.65 -13.04
N PRO A 96 -23.67 3.17 -12.11
CA PRO A 96 -23.67 4.62 -11.86
C PRO A 96 -22.38 5.13 -11.25
N LYS A 97 -21.53 4.23 -10.72
CA LYS A 97 -20.25 4.60 -10.15
C LYS A 97 -19.09 4.44 -11.11
N THR A 98 -19.35 4.18 -12.39
CA THR A 98 -18.25 4.03 -13.35
C THR A 98 -17.38 5.27 -13.36
N PRO A 99 -16.10 5.14 -13.10
CA PRO A 99 -15.19 6.29 -13.18
C PRO A 99 -14.79 6.56 -14.63
N LYS A 100 -14.12 7.67 -14.85
CA LYS A 100 -13.45 7.83 -16.13
C LYS A 100 -12.35 6.78 -16.17
N TYR A 101 -12.25 6.04 -17.29
CA TYR A 101 -11.28 4.96 -17.30
C TYR A 101 -10.76 4.69 -18.71
N LYS A 102 -9.67 3.93 -18.75
CA LYS A 102 -9.15 3.38 -19.99
C LYS A 102 -8.48 2.05 -19.70
N PHE A 103 -8.30 1.27 -20.76
CA PHE A 103 -7.57 0.00 -20.67
C PHE A 103 -6.19 0.17 -21.27
N VAL A 104 -5.16 -0.26 -20.56
CA VAL A 104 -3.80 -0.11 -21.07
C VAL A 104 -3.08 -1.42 -20.86
N ARG A 105 -2.23 -1.81 -21.80
CA ARG A 105 -1.40 -2.99 -21.63
C ARG A 105 -0.02 -2.49 -21.23
N ILE A 106 0.49 -2.96 -20.11
CA ILE A 106 1.75 -2.42 -19.63
C ILE A 106 2.94 -3.27 -20.06
N GLN A 107 4.18 -2.69 -19.89
CA GLN A 107 5.43 -3.36 -20.17
C GLN A 107 6.04 -3.88 -18.88
N PRO A 108 6.85 -4.93 -18.92
CA PRO A 108 7.56 -5.34 -17.70
C PRO A 108 8.34 -4.19 -17.13
N GLY A 109 8.36 -4.14 -15.80
CA GLY A 109 8.96 -3.06 -15.03
C GLY A 109 7.97 -2.01 -14.59
N GLN A 110 6.79 -1.97 -15.20
CA GLN A 110 5.81 -0.98 -14.79
C GLN A 110 5.14 -1.45 -13.49
N THR A 111 4.71 -0.48 -12.69
CA THR A 111 4.04 -0.77 -11.41
C THR A 111 2.56 -0.42 -11.51
N PHE A 112 1.78 -0.95 -10.57
CA PHE A 112 0.35 -0.66 -10.52
C PHE A 112 -0.17 -1.09 -9.16
N SER A 113 -1.34 -0.55 -8.78
CA SER A 113 -2.02 -0.98 -7.55
C SER A 113 -2.94 -2.15 -7.82
N VAL A 114 -3.02 -3.08 -6.88
CA VAL A 114 -3.95 -4.22 -6.96
C VAL A 114 -4.99 -4.03 -5.88
N LEU A 115 -6.26 -4.15 -6.24
CA LEU A 115 -7.31 -4.22 -5.23
C LEU A 115 -7.75 -5.66 -5.11
N ALA A 116 -7.25 -6.35 -4.08
CA ALA A 116 -7.58 -7.75 -3.90
C ALA A 116 -9.00 -7.88 -3.36
N CYS A 117 -9.80 -8.72 -4.04
CA CYS A 117 -11.22 -8.87 -3.73
C CYS A 117 -11.60 -10.32 -3.66
N TYR A 118 -12.63 -10.60 -2.87
CA TYR A 118 -13.21 -11.93 -2.75
C TYR A 118 -14.71 -11.74 -2.74
N ASN A 119 -15.42 -12.54 -3.56
CA ASN A 119 -16.88 -12.44 -3.61
C ASN A 119 -17.38 -11.03 -3.89
N GLY A 120 -16.66 -10.33 -4.76
CA GLY A 120 -17.05 -9.01 -5.17
C GLY A 120 -16.79 -7.91 -4.15
N SER A 121 -16.17 -8.23 -3.01
CA SER A 121 -15.86 -7.28 -1.91
C SER A 121 -14.36 -7.09 -1.72
N PRO A 122 -13.91 -5.86 -1.56
CA PRO A 122 -12.46 -5.61 -1.43
C PRO A 122 -11.87 -6.06 -0.10
N SER A 123 -10.68 -6.63 -0.16
CA SER A 123 -9.97 -7.04 1.03
C SER A 123 -8.82 -6.10 1.35
N GLY A 124 -8.14 -5.61 0.34
CA GLY A 124 -7.03 -4.72 0.62
C GLY A 124 -6.43 -4.19 -0.66
N VAL A 125 -5.53 -3.22 -0.51
CA VAL A 125 -4.86 -2.64 -1.68
C VAL A 125 -3.35 -2.68 -1.47
N TYR A 126 -2.62 -3.01 -2.52
CA TYR A 126 -1.17 -2.98 -2.41
C TYR A 126 -0.57 -2.67 -3.78
N GLN A 127 0.72 -2.28 -3.78
CA GLN A 127 1.50 -2.05 -5.05
C GLN A 127 2.18 -3.32 -5.54
N CYS A 128 2.24 -3.47 -6.86
CA CYS A 128 2.85 -4.61 -7.54
C CYS A 128 3.69 -4.06 -8.71
N ALA A 129 4.58 -4.87 -9.22
CA ALA A 129 5.27 -4.53 -10.47
C ALA A 129 5.15 -5.70 -11.42
N MET A 130 5.04 -5.44 -12.73
CA MET A 130 5.12 -6.51 -13.71
C MET A 130 6.57 -6.94 -13.81
N ARG A 131 6.89 -8.17 -13.42
CA ARG A 131 8.28 -8.63 -13.45
C ARG A 131 8.74 -8.85 -14.89
N PRO A 132 10.06 -8.86 -15.12
CA PRO A 132 10.57 -9.13 -16.46
C PRO A 132 10.09 -10.44 -17.03
N ASN A 133 9.78 -11.43 -16.18
CA ASN A 133 9.25 -12.72 -16.65
C ASN A 133 7.71 -12.75 -16.72
N PHE A 134 7.08 -11.58 -16.68
CA PHE A 134 5.65 -11.38 -16.90
C PHE A 134 4.81 -12.02 -15.80
N THR A 135 5.36 -12.16 -14.61
CA THR A 135 4.54 -12.56 -13.48
C THR A 135 4.45 -11.35 -12.56
N ILE A 136 3.56 -11.43 -11.56
CA ILE A 136 3.61 -10.44 -10.49
C ILE A 136 3.70 -11.16 -9.16
N LYS A 137 4.30 -10.50 -8.19
CA LYS A 137 4.46 -11.08 -6.86
C LYS A 137 3.33 -10.52 -6.02
N GLY A 138 2.17 -11.16 -6.09
CA GLY A 138 0.97 -10.65 -5.43
C GLY A 138 0.66 -11.35 -4.12
N SER A 139 -0.54 -11.10 -3.63
CA SER A 139 -1.06 -11.76 -2.43
C SER A 139 -2.50 -12.11 -2.76
N PHE A 140 -2.71 -13.37 -3.16
CA PHE A 140 -3.98 -13.77 -3.77
C PHE A 140 -4.31 -15.17 -3.27
N LEU A 141 -5.56 -15.35 -2.88
CA LEU A 141 -6.05 -16.63 -2.39
C LEU A 141 -7.12 -17.18 -3.32
N ASN A 142 -7.58 -18.40 -3.05
CA ASN A 142 -8.74 -18.92 -3.76
C ASN A 142 -9.85 -17.88 -3.78
N GLY A 143 -10.46 -17.69 -4.96
CA GLY A 143 -11.55 -16.74 -5.12
C GLY A 143 -11.12 -15.32 -5.49
N SER A 144 -9.81 -15.05 -5.60
CA SER A 144 -9.35 -13.70 -5.92
C SER A 144 -9.36 -13.42 -7.41
N CYS A 145 -9.57 -14.45 -8.25
CA CYS A 145 -9.53 -14.17 -9.69
C CYS A 145 -10.53 -13.09 -10.05
N GLY A 146 -10.17 -12.27 -11.04
CA GLY A 146 -10.98 -11.14 -11.42
C GLY A 146 -10.67 -9.88 -10.65
N SER A 147 -9.88 -9.96 -9.60
CA SER A 147 -9.30 -8.76 -9.00
C SER A 147 -8.46 -8.03 -10.06
N VAL A 148 -8.39 -6.69 -9.98
CA VAL A 148 -7.70 -5.94 -11.01
C VAL A 148 -6.58 -5.08 -10.48
N GLY A 149 -5.69 -4.75 -11.43
CA GLY A 149 -4.58 -3.83 -11.21
C GLY A 149 -4.82 -2.55 -12.00
N PHE A 150 -4.37 -1.42 -11.44
CA PHE A 150 -4.73 -0.15 -12.05
C PHE A 150 -3.75 0.93 -11.61
N ASN A 151 -3.73 2.01 -12.39
CA ASN A 151 -3.12 3.27 -11.94
C ASN A 151 -4.16 4.37 -12.07
N ILE A 152 -3.98 5.48 -11.35
CA ILE A 152 -4.93 6.59 -11.46
C ILE A 152 -4.11 7.86 -11.53
N ASP A 153 -3.35 8.00 -12.56
CA ASP A 153 -2.69 9.28 -12.82
C ASP A 153 -3.77 10.26 -13.32
N TYR A 154 -3.82 11.42 -12.67
CA TYR A 154 -4.88 12.41 -12.80
C TYR A 154 -6.23 11.93 -12.25
N ASP A 155 -7.28 11.93 -13.06
CA ASP A 155 -8.60 11.55 -12.57
C ASP A 155 -9.11 10.29 -13.25
N CYS A 156 -8.28 9.67 -14.05
CA CYS A 156 -8.66 8.59 -14.96
C CYS A 156 -8.05 7.27 -14.47
N VAL A 157 -8.88 6.25 -14.32
CA VAL A 157 -8.35 4.96 -13.91
C VAL A 157 -7.86 4.23 -15.15
N SER A 158 -6.60 3.83 -15.16
CA SER A 158 -6.06 2.99 -16.25
C SER A 158 -5.98 1.55 -15.73
N PHE A 159 -6.88 0.67 -16.21
CA PHE A 159 -6.86 -0.72 -15.78
C PHE A 159 -5.85 -1.48 -16.61
N CYS A 160 -4.94 -2.19 -15.96
CA CYS A 160 -3.89 -2.87 -16.70
C CYS A 160 -3.77 -4.32 -16.41
N TYR A 161 -4.48 -4.85 -15.41
CA TYR A 161 -4.24 -6.25 -15.06
C TYR A 161 -5.51 -6.84 -14.49
N MET A 162 -5.77 -8.10 -14.85
CA MET A 162 -6.88 -8.85 -14.28
C MET A 162 -6.33 -10.19 -13.84
N HIS A 163 -6.62 -10.61 -12.59
CA HIS A 163 -5.93 -11.76 -12.03
C HIS A 163 -6.55 -13.08 -12.47
N HIS A 164 -5.69 -14.05 -12.96
CA HIS A 164 -6.25 -15.37 -13.32
C HIS A 164 -5.67 -16.56 -12.56
N MET A 165 -4.39 -16.56 -12.16
CA MET A 165 -3.83 -17.84 -11.72
C MET A 165 -2.59 -17.66 -10.87
N GLU A 166 -2.25 -18.74 -10.14
CA GLU A 166 -1.05 -18.76 -9.32
C GLU A 166 -0.16 -19.86 -9.85
N LEU A 167 1.12 -19.55 -10.09
CA LEU A 167 2.07 -20.53 -10.60
C LEU A 167 2.73 -21.28 -9.45
N PRO A 168 3.39 -22.41 -9.75
CA PRO A 168 3.94 -23.24 -8.67
C PRO A 168 4.93 -22.55 -7.76
N THR A 169 5.68 -21.55 -8.22
CA THR A 169 6.59 -20.84 -7.32
C THR A 169 5.87 -19.86 -6.42
N GLY A 170 4.55 -19.78 -6.50
CA GLY A 170 3.84 -18.86 -5.65
C GLY A 170 3.70 -17.46 -6.23
N VAL A 171 4.06 -17.25 -7.50
CA VAL A 171 3.84 -15.95 -8.12
C VAL A 171 2.59 -16.04 -8.99
N HIS A 172 2.23 -14.92 -9.60
CA HIS A 172 0.87 -14.81 -10.14
C HIS A 172 0.88 -14.35 -11.58
N ALA A 173 -0.15 -14.77 -12.32
CA ALA A 173 -0.27 -14.46 -13.73
C ALA A 173 -1.68 -14.03 -14.11
N GLY A 174 -1.79 -13.17 -15.11
CA GLY A 174 -3.11 -12.74 -15.53
C GLY A 174 -3.03 -12.02 -16.84
N THR A 175 -4.08 -11.23 -17.14
CA THR A 175 -4.27 -10.67 -18.47
C THR A 175 -4.37 -9.17 -18.42
N ASP A 176 -4.30 -8.53 -19.59
CA ASP A 176 -4.82 -7.18 -19.65
C ASP A 176 -6.34 -7.26 -19.75
N LEU A 177 -6.98 -6.08 -19.88
CA LEU A 177 -8.45 -6.07 -19.82
C LEU A 177 -9.04 -6.38 -21.20
N GLU A 178 -8.19 -6.59 -22.19
CA GLU A 178 -8.67 -7.21 -23.43
C GLU A 178 -8.52 -8.71 -23.40
N GLY A 179 -8.07 -9.28 -22.29
CA GLY A 179 -8.01 -10.71 -22.19
C GLY A 179 -6.76 -11.36 -22.71
N ASN A 180 -5.75 -10.61 -23.12
CA ASN A 180 -4.48 -11.25 -23.52
C ASN A 180 -3.56 -11.43 -22.31
N PHE A 181 -3.07 -12.65 -22.10
CA PHE A 181 -2.15 -12.89 -20.98
C PHE A 181 -0.91 -12.02 -21.13
N TYR A 182 -0.37 -11.61 -19.98
CA TYR A 182 1.02 -11.21 -19.92
C TYR A 182 1.89 -12.46 -19.88
N GLY A 183 2.88 -12.51 -20.76
CA GLY A 183 3.78 -13.65 -20.74
C GLY A 183 3.22 -14.83 -21.49
N PRO A 184 3.91 -15.96 -21.42
CA PRO A 184 3.52 -17.12 -22.25
C PRO A 184 2.49 -18.03 -21.59
N PHE A 185 1.68 -17.52 -20.68
CA PHE A 185 0.86 -18.40 -19.86
C PHE A 185 -0.50 -18.60 -20.53
N VAL A 186 -1.15 -19.69 -20.14
CA VAL A 186 -2.49 -20.02 -20.65
C VAL A 186 -3.40 -20.34 -19.47
N ASP A 187 -4.71 -20.11 -19.65
CA ASP A 187 -5.67 -20.40 -18.57
C ASP A 187 -6.13 -21.87 -18.63
N ARG A 188 -5.17 -22.73 -18.31
CA ARG A 188 -5.29 -24.20 -18.22
C ARG A 188 -4.41 -24.59 -17.05
N GLN A 189 -4.78 -25.66 -16.35
CA GLN A 189 -3.94 -26.14 -15.25
C GLN A 189 -2.88 -27.15 -15.69
N THR A 190 -2.48 -27.11 -16.95
CA THR A 190 -1.35 -27.91 -17.40
C THR A 190 -0.09 -27.30 -16.77
N ALA A 191 0.95 -28.10 -16.65
CA ALA A 191 2.17 -27.65 -16.01
C ALA A 191 2.74 -26.46 -16.76
N GLN A 192 2.95 -25.38 -16.02
CA GLN A 192 3.54 -24.14 -16.52
C GLN A 192 4.48 -23.62 -15.44
N ALA A 193 5.57 -23.03 -15.87
CA ALA A 193 6.57 -22.47 -14.95
C ALA A 193 6.95 -21.08 -15.44
N ALA A 194 7.11 -20.16 -14.49
CA ALA A 194 7.66 -18.84 -14.82
C ALA A 194 9.13 -18.98 -15.28
N GLY A 195 9.52 -18.17 -16.27
CA GLY A 195 10.94 -18.07 -16.61
C GLY A 195 11.77 -17.50 -15.46
N THR A 196 13.11 -17.59 -15.58
CA THR A 196 13.96 -17.00 -14.55
C THR A 196 13.71 -15.51 -14.45
N ASP A 197 13.58 -15.03 -13.24
CA ASP A 197 13.32 -13.61 -13.14
C ASP A 197 14.63 -12.83 -12.98
N THR A 198 14.57 -11.56 -13.31
CA THR A 198 15.72 -10.68 -13.15
C THR A 198 15.28 -9.45 -12.39
N THR A 199 16.24 -8.65 -11.97
CA THR A 199 15.96 -7.42 -11.26
C THR A 199 15.78 -6.26 -12.23
N ILE A 200 14.85 -5.35 -11.94
CA ILE A 200 14.50 -4.28 -12.86
C ILE A 200 15.45 -3.11 -12.60
N THR A 201 16.52 -3.03 -13.42
CA THR A 201 17.64 -2.12 -13.17
C THR A 201 17.21 -0.67 -13.12
N VAL A 202 16.41 -0.22 -14.09
CA VAL A 202 16.03 1.18 -14.12
C VAL A 202 15.27 1.57 -12.85
N ASN A 203 14.50 0.63 -12.28
CA ASN A 203 13.76 0.94 -11.04
C ASN A 203 14.71 1.02 -9.85
N VAL A 204 15.74 0.17 -9.80
CA VAL A 204 16.72 0.26 -8.70
C VAL A 204 17.38 1.62 -8.78
N LEU A 205 17.75 2.05 -10.01
CA LEU A 205 18.39 3.38 -10.13
C LEU A 205 17.45 4.48 -9.69
N ALA A 206 16.14 4.38 -10.05
CA ALA A 206 15.20 5.39 -9.60
C ALA A 206 15.16 5.48 -8.08
N TRP A 207 15.15 4.31 -7.42
CA TRP A 207 15.08 4.28 -5.97
C TRP A 207 16.36 4.81 -5.33
N LEU A 208 17.53 4.58 -5.97
CA LEU A 208 18.73 5.25 -5.45
C LEU A 208 18.61 6.76 -5.58
N TYR A 209 18.04 7.25 -6.69
CA TYR A 209 17.79 8.69 -6.77
C TYR A 209 16.82 9.18 -5.68
N ALA A 210 15.76 8.42 -5.42
CA ALA A 210 14.87 8.76 -4.29
C ALA A 210 15.66 8.90 -3.00
N ALA A 211 16.62 8.00 -2.77
CA ALA A 211 17.41 8.05 -1.54
C ALA A 211 18.20 9.34 -1.48
N VAL A 212 18.78 9.76 -2.60
CA VAL A 212 19.51 11.05 -2.61
C VAL A 212 18.56 12.22 -2.36
N ILE A 213 17.42 12.22 -3.04
CA ILE A 213 16.45 13.31 -2.84
C ILE A 213 16.07 13.43 -1.38
N ASN A 214 15.96 12.31 -0.69
CA ASN A 214 15.59 12.32 0.71
C ASN A 214 16.77 12.50 1.66
N GLY A 215 17.98 12.70 1.13
CA GLY A 215 19.10 13.20 1.92
C GLY A 215 20.28 12.26 2.13
N ASP A 216 20.32 11.08 1.52
CA ASP A 216 21.37 10.11 1.76
C ASP A 216 22.30 9.95 0.56
N ARG A 217 23.62 10.05 0.80
CA ARG A 217 24.61 10.00 -0.28
C ARG A 217 25.69 8.98 -0.03
N TRP A 218 25.59 8.17 1.05
CA TRP A 218 26.73 7.39 1.51
C TRP A 218 27.20 6.41 0.44
N PHE A 219 26.31 6.02 -0.46
CA PHE A 219 26.62 4.98 -1.43
C PHE A 219 27.18 5.50 -2.75
N LEU A 220 27.27 6.82 -2.94
CA LEU A 220 27.85 7.34 -4.16
C LEU A 220 29.37 7.13 -4.17
N ASN A 221 29.98 7.28 -5.35
CA ASN A 221 31.43 7.14 -5.44
C ASN A 221 31.91 8.09 -6.53
N ARG A 222 33.22 8.17 -6.69
CA ARG A 222 33.84 9.15 -7.56
C ARG A 222 33.92 8.67 -9.00
N PHE A 223 33.41 7.46 -9.28
CA PHE A 223 33.62 6.85 -10.57
C PHE A 223 32.44 7.02 -11.52
N THR A 224 32.70 6.73 -12.78
CA THR A 224 31.64 6.66 -13.75
C THR A 224 31.82 5.37 -14.54
N THR A 225 30.89 5.13 -15.45
CA THR A 225 30.98 3.91 -16.24
C THR A 225 30.45 4.23 -17.63
N THR A 226 30.74 3.35 -18.58
CA THR A 226 30.00 3.44 -19.84
C THR A 226 28.76 2.57 -19.71
N LEU A 227 27.78 2.82 -20.57
CA LEU A 227 26.57 1.99 -20.53
C LEU A 227 26.90 0.53 -20.81
N ASN A 228 27.77 0.27 -21.81
CA ASN A 228 28.17 -1.10 -22.13
C ASN A 228 28.82 -1.81 -20.94
N ASP A 229 29.77 -1.15 -20.25
CA ASP A 229 30.44 -1.83 -19.15
C ASP A 229 29.48 -2.08 -18.01
N PHE A 230 28.59 -1.11 -17.77
CA PHE A 230 27.61 -1.32 -16.73
C PHE A 230 26.78 -2.56 -17.02
N ASN A 231 26.31 -2.71 -18.25
CA ASN A 231 25.46 -3.86 -18.56
C ASN A 231 26.24 -5.18 -18.48
N LEU A 232 27.55 -5.16 -18.81
CA LEU A 232 28.32 -6.37 -18.65
C LEU A 232 28.38 -6.81 -17.20
N VAL A 233 28.52 -5.87 -16.27
CA VAL A 233 28.58 -6.21 -14.86
C VAL A 233 27.20 -6.57 -14.34
N ALA A 234 26.21 -5.75 -14.68
CA ALA A 234 24.85 -5.94 -14.15
C ALA A 234 24.31 -7.30 -14.49
N MET A 235 24.55 -7.77 -15.72
CA MET A 235 24.11 -9.10 -16.12
C MET A 235 24.65 -10.20 -15.22
N LYS A 236 25.86 -10.02 -14.67
CA LYS A 236 26.43 -11.04 -13.82
C LYS A 236 25.68 -11.15 -12.50
N TYR A 237 24.85 -10.17 -12.17
CA TYR A 237 24.06 -10.23 -10.95
C TYR A 237 22.59 -10.46 -11.27
N ASN A 238 22.27 -10.91 -12.48
CA ASN A 238 20.89 -11.15 -12.91
C ASN A 238 20.06 -9.87 -12.91
N TYR A 239 20.67 -8.76 -13.32
CA TYR A 239 19.98 -7.51 -13.53
C TYR A 239 19.61 -7.40 -15.00
N GLU A 240 18.45 -6.81 -15.28
CA GLU A 240 18.03 -6.56 -16.65
C GLU A 240 18.97 -5.55 -17.32
N PRO A 241 19.13 -5.65 -18.63
CA PRO A 241 19.94 -4.63 -19.32
C PRO A 241 19.30 -3.25 -19.21
N LEU A 242 20.16 -2.24 -19.08
CA LEU A 242 19.73 -0.86 -19.04
C LEU A 242 19.92 -0.30 -20.46
N THR A 243 18.86 0.24 -21.03
CA THR A 243 18.89 0.79 -22.38
C THR A 243 19.03 2.30 -22.38
N GLN A 244 19.32 2.84 -23.57
CA GLN A 244 19.34 4.28 -23.67
C GLN A 244 17.96 4.87 -23.34
N ASP A 245 16.87 4.15 -23.63
CA ASP A 245 15.56 4.66 -23.19
C ASP A 245 15.49 4.79 -21.67
N HIS A 246 16.02 3.81 -20.95
CA HIS A 246 16.01 3.92 -19.50
C HIS A 246 16.86 5.10 -19.04
N VAL A 247 18.03 5.29 -19.69
CA VAL A 247 18.87 6.42 -19.30
C VAL A 247 18.10 7.73 -19.49
N ASP A 248 17.38 7.85 -20.62
CA ASP A 248 16.59 9.06 -20.87
C ASP A 248 15.50 9.26 -19.83
N ILE A 249 14.80 8.18 -19.45
CA ILE A 249 13.69 8.26 -18.49
C ILE A 249 14.18 8.75 -17.12
N LEU A 250 15.42 8.43 -16.77
CA LEU A 250 16.02 8.88 -15.52
C LEU A 250 16.49 10.33 -15.57
N GLY A 251 16.41 10.99 -16.71
CA GLY A 251 16.87 12.35 -16.87
C GLY A 251 16.39 13.33 -15.81
N PRO A 252 15.09 13.36 -15.54
CA PRO A 252 14.60 14.35 -14.54
C PRO A 252 15.15 14.14 -13.12
N LEU A 253 15.30 12.88 -12.68
CA LEU A 253 15.86 12.64 -11.37
C LEU A 253 17.33 13.02 -11.37
N SER A 254 18.00 12.73 -12.47
CA SER A 254 19.40 13.14 -12.56
C SER A 254 19.52 14.66 -12.48
N ALA A 255 18.60 15.38 -13.11
CA ALA A 255 18.68 16.84 -13.10
C ALA A 255 18.42 17.39 -11.71
N GLN A 256 17.45 16.79 -11.02
CA GLN A 256 17.11 17.27 -9.68
C GLN A 256 18.23 17.03 -8.67
N THR A 257 19.01 15.97 -8.83
CA THR A 257 20.01 15.65 -7.83
C THR A 257 21.41 16.09 -8.24
N GLY A 258 21.62 16.42 -9.52
CA GLY A 258 22.97 16.70 -9.98
C GLY A 258 23.87 15.49 -10.13
N ILE A 259 23.31 14.28 -10.15
CA ILE A 259 24.08 13.05 -10.31
C ILE A 259 23.76 12.51 -11.69
N ALA A 260 24.78 12.50 -12.56
CA ALA A 260 24.61 11.95 -13.92
C ALA A 260 24.18 10.48 -13.84
N VAL A 261 23.35 10.05 -14.81
CA VAL A 261 22.83 8.67 -14.74
C VAL A 261 23.97 7.67 -14.73
N LEU A 262 25.00 7.84 -15.58
CA LEU A 262 26.07 6.84 -15.57
C LEU A 262 26.93 6.90 -14.30
N ASP A 263 26.94 8.03 -13.57
CA ASP A 263 27.56 8.05 -12.25
C ASP A 263 26.73 7.23 -11.24
N MET A 264 25.39 7.35 -11.30
CA MET A 264 24.59 6.51 -10.43
C MET A 264 24.77 5.03 -10.80
N CYS A 265 24.93 4.73 -12.10
CA CYS A 265 25.24 3.36 -12.47
C CYS A 265 26.52 2.85 -11.81
N ALA A 266 27.58 3.70 -11.73
CA ALA A 266 28.79 3.28 -11.03
C ALA A 266 28.56 3.05 -9.54
N SER A 267 27.67 3.84 -8.93
CA SER A 267 27.29 3.59 -7.54
C SER A 267 26.61 2.22 -7.39
N LEU A 268 25.65 1.94 -8.26
CA LEU A 268 24.99 0.64 -8.22
C LEU A 268 25.99 -0.52 -8.41
N LYS A 269 26.93 -0.38 -9.35
CA LYS A 269 27.95 -1.43 -9.49
C LYS A 269 28.65 -1.72 -8.18
N GLU A 270 29.08 -0.63 -7.51
CA GLU A 270 29.77 -0.85 -6.24
C GLU A 270 28.86 -1.49 -5.18
N LEU A 271 27.57 -1.10 -5.16
CA LEU A 271 26.66 -1.71 -4.19
C LEU A 271 26.53 -3.20 -4.46
N LEU A 272 26.49 -3.58 -5.74
CA LEU A 272 26.36 -5.02 -6.04
C LEU A 272 27.59 -5.75 -5.56
N GLN A 273 28.76 -5.09 -5.66
CA GLN A 273 30.04 -5.71 -5.24
C GLN A 273 30.19 -5.78 -3.71
N ASN A 274 29.70 -4.80 -2.98
CA ASN A 274 30.02 -4.66 -1.56
C ASN A 274 28.87 -5.01 -0.65
N GLY A 275 27.64 -4.97 -1.13
CA GLY A 275 26.53 -5.00 -0.18
C GLY A 275 26.43 -3.66 0.56
N MET A 276 25.64 -3.64 1.64
CA MET A 276 25.40 -2.39 2.34
C MET A 276 26.21 -2.23 3.62
N ASN A 277 27.01 -3.22 4.01
CA ASN A 277 27.86 -3.11 5.20
C ASN A 277 27.06 -2.68 6.44
N GLY A 278 25.91 -3.30 6.63
CA GLY A 278 25.11 -3.03 7.81
C GLY A 278 24.30 -1.75 7.74
N ARG A 279 24.34 -1.02 6.63
CA ARG A 279 23.53 0.17 6.47
C ARG A 279 22.24 -0.19 5.75
N THR A 280 21.33 0.78 5.69
CA THR A 280 20.10 0.62 4.94
C THR A 280 19.97 1.81 4.00
N ILE A 281 19.09 1.65 3.01
CA ILE A 281 18.74 2.72 2.09
C ILE A 281 17.23 2.78 2.10
N LEU A 282 16.69 3.94 2.45
CA LEU A 282 15.22 4.10 2.53
C LEU A 282 14.56 2.97 3.31
N GLY A 283 15.21 2.55 4.40
CA GLY A 283 14.58 1.53 5.22
C GLY A 283 14.76 0.10 4.76
N SER A 284 15.53 -0.15 3.69
CA SER A 284 15.68 -1.48 3.16
C SER A 284 17.15 -1.91 3.22
N ALA A 285 17.37 -3.20 3.47
CA ALA A 285 18.70 -3.79 3.42
C ALA A 285 18.97 -4.52 2.12
N LEU A 286 18.02 -4.47 1.21
CA LEU A 286 18.14 -5.01 -0.16
C LEU A 286 17.93 -3.88 -1.17
N LEU A 287 18.36 -4.09 -2.40
CA LEU A 287 18.14 -3.06 -3.42
C LEU A 287 16.73 -3.21 -3.97
N GLU A 288 15.90 -2.20 -3.81
CA GLU A 288 14.48 -2.28 -4.17
C GLU A 288 14.24 -1.99 -5.66
N ASP A 289 13.40 -2.82 -6.32
CA ASP A 289 13.19 -2.60 -7.76
C ASP A 289 11.73 -2.45 -8.17
N GLU A 290 10.83 -2.15 -7.25
CA GLU A 290 9.43 -1.99 -7.63
C GLU A 290 8.94 -0.56 -7.47
N PHE A 291 9.85 0.42 -7.57
CA PHE A 291 9.50 1.83 -7.78
C PHE A 291 10.04 2.27 -9.14
N THR A 292 9.16 2.76 -10.01
CA THR A 292 9.62 3.30 -11.29
C THR A 292 10.08 4.73 -11.15
N PRO A 293 10.80 5.23 -12.15
CA PRO A 293 11.15 6.67 -12.14
C PRO A 293 9.92 7.55 -11.99
N PHE A 294 8.81 7.18 -12.65
CA PHE A 294 7.62 7.99 -12.53
C PHE A 294 7.05 7.93 -11.12
N ASP A 295 7.12 6.76 -10.47
CA ASP A 295 6.68 6.61 -9.07
C ASP A 295 7.48 7.52 -8.12
N VAL A 296 8.80 7.57 -8.34
CA VAL A 296 9.65 8.39 -7.47
C VAL A 296 9.29 9.86 -7.65
N VAL A 297 9.15 10.31 -8.89
CA VAL A 297 8.75 11.70 -9.11
C VAL A 297 7.36 11.97 -8.49
N ARG A 298 6.44 11.00 -8.56
CA ARG A 298 5.10 11.19 -7.98
C ARG A 298 5.19 11.37 -6.46
N GLN A 299 6.06 10.62 -5.81
CA GLN A 299 6.08 10.59 -4.34
C GLN A 299 7.06 11.59 -3.71
N CYS A 300 8.21 11.80 -4.33
CA CYS A 300 9.25 12.59 -3.67
C CYS A 300 9.07 14.08 -3.87
N SER A 301 9.68 14.85 -2.97
CA SER A 301 9.71 16.29 -3.11
C SER A 301 10.45 16.68 -4.39
N GLY A 302 10.05 17.83 -4.96
CA GLY A 302 10.81 18.33 -6.10
C GLY A 302 12.01 19.15 -5.69
N VAL A 303 12.35 19.15 -4.40
CA VAL A 303 13.52 19.83 -3.86
C VAL A 303 14.36 18.79 -3.14
N THR A 304 15.63 18.66 -3.54
CA THR A 304 16.51 17.67 -2.91
C THR A 304 16.94 18.19 -1.54
N PHE A 305 17.14 17.27 -0.59
CA PHE A 305 17.59 17.64 0.75
C PHE A 305 19.12 17.56 0.69
N GLN A 306 19.74 18.71 0.39
CA GLN A 306 21.16 18.76 0.00
C GLN A 306 22.17 18.66 1.15
N SER B 1 -1.58 -17.57 -2.29
CA SER B 1 -0.46 -17.31 -1.40
C SER B 1 0.25 -15.98 -1.76
N GLY B 2 1.35 -15.68 -1.07
CA GLY B 2 2.04 -14.41 -1.16
C GLY B 2 1.73 -13.57 0.06
N PHE B 3 2.56 -12.55 0.29
CA PHE B 3 2.36 -11.72 1.46
C PHE B 3 2.90 -10.33 1.19
N ARG B 4 2.03 -9.33 1.24
CA ARG B 4 2.36 -7.98 0.82
C ARG B 4 1.96 -7.03 1.96
N LYS B 5 2.62 -5.87 2.01
CA LYS B 5 2.19 -4.81 2.91
C LYS B 5 0.90 -4.24 2.32
N MET B 6 -0.21 -4.51 2.96
CA MET B 6 -1.54 -4.30 2.38
C MET B 6 -2.29 -3.23 3.16
N ALA B 7 -2.83 -2.24 2.48
CA ALA B 7 -3.66 -1.25 3.18
C ALA B 7 -5.12 -1.63 3.08
N PHE B 8 -5.93 -1.01 3.93
CA PHE B 8 -7.38 -1.21 3.78
C PHE B 8 -7.86 -0.50 2.52
N PRO B 9 -8.93 -0.99 1.88
CA PRO B 9 -9.58 -0.22 0.81
C PRO B 9 -9.97 1.16 1.33
N SER B 10 -9.70 2.20 0.57
CA SER B 10 -9.81 3.56 1.10
C SER B 10 -11.08 4.30 0.69
N GLY B 11 -12.00 3.64 -0.05
CA GLY B 11 -13.12 4.40 -0.64
C GLY B 11 -13.99 5.10 0.40
N LYS B 12 -14.24 4.41 1.53
CA LYS B 12 -15.10 5.01 2.56
C LYS B 12 -14.49 6.28 3.12
N VAL B 13 -13.18 6.38 3.17
CA VAL B 13 -12.55 7.59 3.68
C VAL B 13 -12.42 8.65 2.61
N GLU B 14 -12.15 8.25 1.36
CA GLU B 14 -12.00 9.23 0.27
C GLU B 14 -13.20 10.15 0.22
N GLY B 15 -14.38 9.60 0.44
CA GLY B 15 -15.58 10.45 0.37
C GLY B 15 -15.71 11.48 1.47
N CYS B 16 -14.79 11.48 2.43
CA CYS B 16 -14.86 12.39 3.56
C CYS B 16 -13.81 13.49 3.49
N MET B 17 -12.92 13.45 2.49
CA MET B 17 -11.80 14.41 2.54
C MET B 17 -12.21 15.72 1.87
N VAL B 18 -11.86 16.82 2.50
CA VAL B 18 -12.17 18.15 1.98
C VAL B 18 -10.93 19.01 2.10
N GLN B 19 -10.98 20.19 1.50
CA GLN B 19 -9.91 21.16 1.59
C GLN B 19 -10.33 22.24 2.57
N VAL B 20 -9.46 22.61 3.50
CA VAL B 20 -9.72 23.74 4.42
C VAL B 20 -8.66 24.82 4.22
N THR B 21 -9.11 26.06 4.04
CA THR B 21 -8.21 27.19 3.86
C THR B 21 -8.54 28.27 4.88
N CYS B 22 -7.51 28.80 5.54
CA CYS B 22 -7.68 29.93 6.44
C CYS B 22 -6.53 30.88 6.13
N GLY B 23 -6.85 32.06 5.63
CA GLY B 23 -5.81 32.97 5.24
C GLY B 23 -5.06 32.41 4.06
N THR B 24 -3.75 32.27 4.18
CA THR B 24 -2.95 31.69 3.12
C THR B 24 -2.57 30.24 3.38
N THR B 25 -3.07 29.63 4.44
CA THR B 25 -2.73 28.24 4.74
C THR B 25 -3.85 27.33 4.23
N THR B 26 -3.47 26.31 3.46
CA THR B 26 -4.42 25.31 2.98
C THR B 26 -3.98 23.95 3.48
N LEU B 27 -4.93 23.14 3.97
CA LEU B 27 -4.61 21.76 4.33
C LEU B 27 -5.89 20.97 4.16
N ASN B 28 -5.89 19.73 4.65
CA ASN B 28 -7.02 18.85 4.46
C ASN B 28 -7.86 18.79 5.70
N GLY B 29 -9.16 18.51 5.49
CA GLY B 29 -10.06 18.25 6.59
C GLY B 29 -10.82 16.97 6.35
N LEU B 30 -11.40 16.48 7.44
CA LEU B 30 -12.22 15.25 7.45
C LEU B 30 -13.66 15.63 7.72
N TRP B 31 -14.54 15.40 6.75
CA TRP B 31 -15.94 15.83 6.83
C TRP B 31 -16.82 14.66 7.22
N LEU B 32 -17.35 14.67 8.44
CA LEU B 32 -18.17 13.55 8.94
C LEU B 32 -19.43 14.15 9.52
N ASP B 33 -20.59 13.61 9.17
CA ASP B 33 -21.85 14.25 9.59
C ASP B 33 -21.74 15.72 9.23
N ASP B 34 -22.12 16.66 10.11
CA ASP B 34 -22.01 18.06 9.75
C ASP B 34 -20.81 18.75 10.38
N VAL B 35 -19.68 18.04 10.56
CA VAL B 35 -18.49 18.68 11.16
C VAL B 35 -17.30 18.35 10.28
N VAL B 36 -16.41 19.34 10.09
CA VAL B 36 -15.15 19.16 9.41
C VAL B 36 -14.05 19.28 10.47
N TYR B 37 -13.23 18.22 10.59
CA TYR B 37 -12.12 18.15 11.54
C TYR B 37 -10.81 18.46 10.83
N CYS B 38 -9.96 19.31 11.39
CA CYS B 38 -8.66 19.54 10.74
C CYS B 38 -7.67 20.03 11.80
N PRO B 39 -6.35 20.12 11.48
CA PRO B 39 -5.37 20.54 12.49
C PRO B 39 -5.59 21.99 12.88
N ARG B 40 -5.44 22.31 14.16
CA ARG B 40 -5.71 23.69 14.53
C ARG B 40 -4.66 24.65 14.00
N HIS B 41 -3.48 24.16 13.62
CA HIS B 41 -2.51 25.10 13.10
C HIS B 41 -2.88 25.64 11.75
N VAL B 42 -4.04 25.28 11.19
CA VAL B 42 -4.51 25.98 10.00
C VAL B 42 -4.72 27.47 10.28
N ILE B 43 -4.92 27.85 11.54
CA ILE B 43 -5.20 29.28 11.79
C ILE B 43 -3.93 30.09 12.02
N CYS B 44 -2.75 29.49 11.91
CA CYS B 44 -1.48 30.18 12.11
C CYS B 44 -0.96 30.81 10.83
N THR B 45 -0.20 31.88 10.99
CA THR B 45 0.63 32.46 9.93
C THR B 45 2.09 32.17 10.23
N SER B 46 2.97 32.80 9.45
CA SER B 46 4.41 32.63 9.65
C SER B 46 4.87 33.23 10.98
N GLU B 47 4.42 34.45 11.30
CA GLU B 47 4.82 35.04 12.57
C GLU B 47 4.13 34.38 13.75
N ASP B 48 3.27 33.38 13.52
CA ASP B 48 2.55 32.72 14.59
C ASP B 48 3.07 31.33 14.90
N MET B 49 3.82 30.73 13.98
CA MET B 49 4.08 29.30 14.04
C MET B 49 5.14 28.95 15.07
N LEU B 50 5.94 29.93 15.50
CA LEU B 50 7.05 29.64 16.40
C LEU B 50 6.59 29.47 17.83
N ASN B 51 5.64 30.31 18.28
CA ASN B 51 5.08 30.24 19.64
C ASN B 51 3.60 30.63 19.59
N PRO B 52 2.76 29.83 18.94
CA PRO B 52 1.34 30.21 18.76
C PRO B 52 0.53 30.23 20.05
N ASN B 53 -0.36 31.22 20.15
CA ASN B 53 -1.39 31.24 21.20
C ASN B 53 -2.71 30.94 20.48
N TYR B 54 -3.09 29.66 20.44
CA TYR B 54 -4.19 29.31 19.55
C TYR B 54 -5.52 29.89 20.00
N GLU B 55 -5.78 29.93 21.31
CA GLU B 55 -7.04 30.50 21.80
C GLU B 55 -7.17 31.95 21.35
N ASP B 56 -6.08 32.70 21.42
CA ASP B 56 -6.09 34.10 21.01
C ASP B 56 -6.17 34.25 19.50
N LEU B 57 -5.53 33.36 18.74
CA LEU B 57 -5.64 33.40 17.28
C LEU B 57 -7.06 33.13 16.81
N LEU B 58 -7.78 32.27 17.52
CA LEU B 58 -9.08 31.84 17.04
C LEU B 58 -10.13 32.94 17.18
N ILE B 59 -9.99 33.82 18.19
CA ILE B 59 -11.02 34.84 18.43
C ILE B 59 -11.15 35.81 17.26
N ARG B 60 -10.07 36.05 16.53
CA ARG B 60 -10.17 37.00 15.43
C ARG B 60 -10.81 36.41 14.18
N LYS B 61 -11.16 35.13 14.18
CA LYS B 61 -11.71 34.47 13.00
C LYS B 61 -13.23 34.40 13.11
N SER B 62 -13.92 34.72 12.01
CA SER B 62 -15.34 34.45 11.89
C SER B 62 -15.52 33.17 11.08
N ASN B 63 -16.77 32.67 11.04
CA ASN B 63 -17.04 31.47 10.25
C ASN B 63 -16.58 31.64 8.81
N HIS B 64 -16.79 32.84 8.21
CA HIS B 64 -16.43 33.03 6.81
C HIS B 64 -14.92 33.15 6.58
N ASN B 65 -14.10 33.21 7.64
CA ASN B 65 -12.65 33.08 7.48
C ASN B 65 -12.18 31.66 7.18
N PHE B 66 -13.04 30.65 7.32
CA PHE B 66 -12.70 29.28 6.99
C PHE B 66 -13.37 28.95 5.67
N LEU B 67 -12.57 28.66 4.66
CA LEU B 67 -13.09 28.30 3.35
C LEU B 67 -12.96 26.79 3.24
N VAL B 68 -14.08 26.09 3.20
CA VAL B 68 -14.08 24.63 3.12
C VAL B 68 -14.63 24.22 1.77
N GLN B 69 -13.89 23.39 1.05
CA GLN B 69 -14.28 23.00 -0.29
C GLN B 69 -14.35 21.49 -0.38
N ALA B 70 -15.50 20.95 -0.78
CA ALA B 70 -15.68 19.52 -1.01
C ALA B 70 -15.82 19.31 -2.51
N GLY B 71 -14.77 18.78 -3.11
CA GLY B 71 -14.69 18.78 -4.57
C GLY B 71 -14.83 20.20 -5.09
N ASN B 72 -15.84 20.41 -5.92
CA ASN B 72 -16.09 21.70 -6.53
C ASN B 72 -17.10 22.54 -5.75
N VAL B 73 -17.58 22.07 -4.60
CA VAL B 73 -18.65 22.74 -3.86
C VAL B 73 -18.08 23.39 -2.61
N GLN B 74 -18.45 24.65 -2.35
CA GLN B 74 -18.07 25.27 -1.09
C GLN B 74 -19.08 24.89 -0.01
N LEU B 75 -18.59 24.48 1.15
CA LEU B 75 -19.43 24.22 2.32
C LEU B 75 -19.51 25.49 3.16
N ARG B 76 -20.68 25.74 3.73
CA ARG B 76 -20.85 26.94 4.53
C ARG B 76 -20.59 26.62 6.00
N VAL B 77 -19.62 27.29 6.59
CA VAL B 77 -19.24 27.06 7.98
C VAL B 77 -20.19 27.85 8.88
N ILE B 78 -20.85 27.17 9.83
CA ILE B 78 -21.78 27.84 10.72
C ILE B 78 -21.36 27.80 12.16
N GLY B 79 -20.21 27.21 12.47
CA GLY B 79 -19.68 27.27 13.82
C GLY B 79 -18.24 26.83 13.81
N HIS B 80 -17.50 27.21 14.85
CA HIS B 80 -16.12 26.72 14.94
C HIS B 80 -15.73 26.61 16.40
N SER B 81 -14.98 25.56 16.72
CA SER B 81 -14.46 25.41 18.07
C SER B 81 -13.21 24.56 18.02
N MET B 82 -12.47 24.59 19.10
CA MET B 82 -11.23 23.82 19.16
C MET B 82 -11.34 22.71 20.21
N GLN B 83 -10.85 21.53 19.89
CA GLN B 83 -10.74 20.44 20.85
C GLN B 83 -9.29 20.00 20.86
N ASN B 84 -8.54 20.32 21.94
CA ASN B 84 -7.11 19.99 21.96
C ASN B 84 -6.45 20.53 20.71
N CYS B 85 -5.75 19.70 19.91
CA CYS B 85 -5.07 20.26 18.74
C CYS B 85 -5.87 20.19 17.42
N VAL B 86 -7.15 19.86 17.49
N VAL B 86 -7.18 19.91 17.50
CA VAL B 86 -7.95 19.90 16.27
CA VAL B 86 -8.07 19.76 16.33
C VAL B 86 -8.95 21.04 16.34
C VAL B 86 -9.10 20.88 16.33
N LEU B 87 -9.27 21.53 15.17
CA LEU B 87 -10.35 22.48 14.93
C LEU B 87 -11.57 21.72 14.43
N LYS B 88 -12.76 22.06 14.95
CA LYS B 88 -14.02 21.44 14.53
C LYS B 88 -14.84 22.55 13.88
N LEU B 89 -15.08 22.42 12.59
CA LEU B 89 -15.87 23.40 11.85
C LEU B 89 -17.25 22.82 11.60
N LYS B 90 -18.27 23.43 12.19
CA LYS B 90 -19.62 22.98 11.95
C LYS B 90 -20.06 23.56 10.62
N VAL B 91 -20.60 22.71 9.72
CA VAL B 91 -21.04 23.15 8.40
C VAL B 91 -22.53 22.93 8.27
N ASP B 92 -23.10 23.55 7.24
CA ASP B 92 -24.56 23.57 7.17
C ASP B 92 -25.17 22.31 6.55
N THR B 93 -24.36 21.39 6.03
CA THR B 93 -24.80 20.17 5.35
C THR B 93 -24.09 18.99 5.96
N ALA B 94 -24.83 17.92 6.25
CA ALA B 94 -24.20 16.67 6.65
C ALA B 94 -23.62 15.96 5.42
N ASN B 95 -22.46 15.35 5.59
CA ASN B 95 -21.85 14.65 4.46
C ASN B 95 -22.69 13.43 4.12
N PRO B 96 -23.30 13.37 2.94
CA PRO B 96 -24.11 12.20 2.58
C PRO B 96 -23.28 10.95 2.41
N LYS B 97 -21.95 11.06 2.30
CA LYS B 97 -21.08 9.91 2.20
C LYS B 97 -20.47 9.50 3.53
N THR B 98 -20.93 10.05 4.65
CA THR B 98 -20.39 9.65 5.97
C THR B 98 -20.54 8.14 6.16
N PRO B 99 -19.46 7.39 6.38
CA PRO B 99 -19.57 5.97 6.64
C PRO B 99 -19.93 5.73 8.10
N LYS B 100 -20.22 4.48 8.44
CA LYS B 100 -20.27 4.14 9.85
C LYS B 100 -18.86 4.30 10.40
N TYR B 101 -18.68 5.03 11.49
CA TYR B 101 -17.31 5.29 11.93
C TYR B 101 -17.27 5.51 13.44
N LYS B 102 -16.06 5.41 13.98
CA LYS B 102 -15.84 5.90 15.32
C LYS B 102 -14.42 6.42 15.41
N PHE B 103 -14.15 7.19 16.48
CA PHE B 103 -12.80 7.70 16.74
C PHE B 103 -12.15 6.80 17.78
N VAL B 104 -10.93 6.33 17.52
CA VAL B 104 -10.24 5.45 18.45
C VAL B 104 -8.82 5.96 18.63
N ARG B 105 -8.26 5.69 19.78
CA ARG B 105 -6.86 6.06 20.02
C ARG B 105 -6.06 4.77 20.05
N ILE B 106 -5.04 4.65 19.17
CA ILE B 106 -4.34 3.38 19.12
C ILE B 106 -3.14 3.34 20.04
N GLN B 107 -2.55 2.10 20.26
CA GLN B 107 -1.34 1.87 21.06
C GLN B 107 -0.14 1.72 20.14
N PRO B 108 1.06 2.03 20.63
CA PRO B 108 2.27 1.74 19.83
C PRO B 108 2.31 0.28 19.46
N GLY B 109 2.79 0.02 18.25
CA GLY B 109 2.78 -1.29 17.67
C GLY B 109 1.58 -1.59 16.83
N GLN B 110 0.50 -0.83 16.97
CA GLN B 110 -0.67 -1.10 16.15
C GLN B 110 -0.47 -0.45 14.81
N THR B 111 -1.09 -1.04 13.76
CA THR B 111 -0.89 -0.54 12.40
C THR B 111 -2.18 0.11 11.91
N PHE B 112 -2.06 0.87 10.83
CA PHE B 112 -3.23 1.52 10.27
C PHE B 112 -2.88 1.98 8.88
N SER B 113 -3.92 2.25 8.08
CA SER B 113 -3.71 2.77 6.74
C SER B 113 -3.77 4.26 6.74
N VAL B 114 -2.89 4.89 5.96
CA VAL B 114 -2.89 6.33 5.81
C VAL B 114 -3.41 6.67 4.43
N LEU B 115 -4.35 7.61 4.37
CA LEU B 115 -4.80 8.16 3.07
C LEU B 115 -4.13 9.54 2.94
N ALA B 116 -3.03 9.59 2.16
CA ALA B 116 -2.28 10.83 2.00
C ALA B 116 -3.03 11.69 1.01
N CYS B 117 -3.31 12.94 1.41
CA CYS B 117 -4.15 13.85 0.62
C CYS B 117 -3.44 15.19 0.52
N TYR B 118 -3.73 15.92 -0.55
CA TYR B 118 -3.23 17.26 -0.81
C TYR B 118 -4.36 18.06 -1.41
N ASN B 119 -4.59 19.27 -0.91
CA ASN B 119 -5.66 20.15 -1.40
C ASN B 119 -7.03 19.44 -1.40
N GLY B 120 -7.25 18.62 -0.38
CA GLY B 120 -8.49 17.91 -0.24
C GLY B 120 -8.67 16.72 -1.14
N SER B 121 -7.66 16.38 -1.95
CA SER B 121 -7.79 15.26 -2.89
C SER B 121 -6.86 14.13 -2.48
N PRO B 122 -7.41 12.92 -2.36
CA PRO B 122 -6.57 11.76 -1.98
C PRO B 122 -5.56 11.45 -3.07
N SER B 123 -4.34 11.21 -2.67
CA SER B 123 -3.28 10.97 -3.61
C SER B 123 -2.67 9.60 -3.47
N GLY B 124 -2.67 9.00 -2.29
CA GLY B 124 -2.14 7.66 -2.18
C GLY B 124 -2.53 7.01 -0.88
N VAL B 125 -2.38 5.70 -0.82
CA VAL B 125 -2.68 4.98 0.42
C VAL B 125 -1.53 4.04 0.76
N TYR B 126 -1.17 4.01 2.03
CA TYR B 126 -0.15 3.04 2.44
C TYR B 126 -0.40 2.62 3.88
N GLN B 127 0.26 1.54 4.27
CA GLN B 127 0.17 1.03 5.64
C GLN B 127 1.32 1.56 6.52
N CYS B 128 1.02 1.90 7.79
CA CYS B 128 1.96 2.49 8.74
C CYS B 128 1.83 1.77 10.08
N ALA B 129 2.84 1.87 10.96
CA ALA B 129 2.64 1.38 12.32
C ALA B 129 2.94 2.54 13.25
N MET B 130 2.22 2.64 14.36
CA MET B 130 2.61 3.61 15.39
C MET B 130 3.87 3.05 16.06
N ARG B 131 4.99 3.75 15.96
CA ARG B 131 6.26 3.22 16.52
C ARG B 131 6.22 3.31 18.04
N PRO B 132 7.06 2.52 18.75
CA PRO B 132 7.14 2.66 20.22
C PRO B 132 7.47 4.04 20.66
N ASN B 133 8.15 4.85 19.84
CA ASN B 133 8.45 6.24 20.22
C ASN B 133 7.39 7.23 19.77
N PHE B 134 6.22 6.72 19.38
CA PHE B 134 5.02 7.46 19.01
C PHE B 134 5.21 8.32 17.77
N THR B 135 6.12 7.94 16.89
CA THR B 135 6.16 8.53 15.58
C THR B 135 5.61 7.52 14.59
N ILE B 136 5.37 7.99 13.37
CA ILE B 136 5.14 7.04 12.29
C ILE B 136 6.15 7.32 11.18
N LYS B 137 6.50 6.29 10.43
CA LYS B 137 7.40 6.45 9.29
C LYS B 137 6.49 6.59 8.07
N GLY B 138 6.03 7.82 7.85
CA GLY B 138 5.09 8.09 6.79
C GLY B 138 5.82 8.60 5.58
N SER B 139 5.04 9.11 4.63
CA SER B 139 5.56 9.71 3.41
C SER B 139 4.63 10.88 3.16
N PHE B 140 5.09 12.08 3.50
CA PHE B 140 4.25 13.26 3.56
C PHE B 140 5.06 14.47 3.12
N LEU B 141 4.45 15.31 2.32
CA LEU B 141 5.05 16.54 1.81
C LEU B 141 4.28 17.72 2.33
N ASN B 142 4.76 18.94 2.01
CA ASN B 142 3.98 20.13 2.35
C ASN B 142 2.55 20.01 1.84
N GLY B 143 1.59 20.40 2.68
CA GLY B 143 0.19 20.36 2.31
C GLY B 143 -0.53 19.06 2.71
N SER B 144 0.19 18.10 3.28
CA SER B 144 -0.38 16.80 3.65
C SER B 144 -1.09 16.85 5.01
N CYS B 145 -0.91 17.95 5.76
CA CYS B 145 -1.55 17.98 7.07
C CYS B 145 -3.06 17.79 6.99
N GLY B 146 -3.60 17.06 7.98
CA GLY B 146 -5.02 16.72 8.00
C GLY B 146 -5.31 15.40 7.32
N SER B 147 -4.31 14.81 6.61
CA SER B 147 -4.47 13.44 6.13
C SER B 147 -4.72 12.54 7.32
N VAL B 148 -5.47 11.46 7.11
CA VAL B 148 -5.88 10.63 8.25
C VAL B 148 -5.47 9.18 8.09
N GLY B 149 -5.38 8.53 9.25
CA GLY B 149 -5.10 7.11 9.35
C GLY B 149 -6.29 6.40 9.96
N PHE B 150 -6.47 5.15 9.56
CA PHE B 150 -7.72 4.47 9.90
C PHE B 150 -7.51 2.96 9.79
N ASN B 151 -8.44 2.26 10.43
CA ASN B 151 -8.63 0.82 10.25
C ASN B 151 -10.10 0.60 9.89
N ILE B 152 -10.41 -0.54 9.32
CA ILE B 152 -11.82 -0.89 9.06
C ILE B 152 -12.12 -2.24 9.73
N ASP B 153 -13.31 -2.36 10.31
CA ASP B 153 -13.78 -3.67 10.77
C ASP B 153 -15.23 -3.83 10.34
N TYR B 154 -15.50 -4.85 9.51
CA TYR B 154 -16.82 -5.05 8.95
C TYR B 154 -17.20 -3.82 8.14
N ASP B 155 -18.12 -3.02 8.67
CA ASP B 155 -18.59 -1.82 8.00
C ASP B 155 -18.13 -0.54 8.70
N CYS B 156 -17.38 -0.65 9.81
CA CYS B 156 -17.10 0.54 10.64
C CYS B 156 -15.65 1.01 10.43
N VAL B 157 -15.51 2.26 10.03
CA VAL B 157 -14.19 2.88 9.91
C VAL B 157 -13.78 3.42 11.28
N SER B 158 -12.63 2.99 11.78
CA SER B 158 -12.07 3.53 13.04
C SER B 158 -10.96 4.49 12.69
N PHE B 159 -11.23 5.78 12.88
CA PHE B 159 -10.22 6.79 12.59
C PHE B 159 -9.30 6.93 13.79
N CYS B 160 -7.97 6.86 13.53
CA CYS B 160 -7.04 6.88 14.65
C CYS B 160 -5.96 7.91 14.54
N TYR B 161 -5.78 8.57 13.39
CA TYR B 161 -4.60 9.42 13.24
C TYR B 161 -4.97 10.57 12.34
N MET B 162 -4.48 11.76 12.69
CA MET B 162 -4.56 12.95 11.84
C MET B 162 -3.15 13.54 11.78
N HIS B 163 -2.67 13.83 10.56
CA HIS B 163 -1.27 14.22 10.40
C HIS B 163 -1.04 15.70 10.70
N HIS B 164 0.01 16.01 11.52
CA HIS B 164 0.33 17.41 11.82
C HIS B 164 1.77 17.84 11.45
N MET B 165 2.77 16.97 11.54
CA MET B 165 4.11 17.53 11.38
C MET B 165 5.16 16.48 11.03
N GLU B 166 6.32 17.00 10.58
CA GLU B 166 7.48 16.17 10.27
C GLU B 166 8.62 16.53 11.24
N LEU B 167 9.28 15.54 11.77
CA LEU B 167 10.40 15.75 12.71
C LEU B 167 11.72 15.77 11.94
N PRO B 168 12.78 16.29 12.55
CA PRO B 168 14.06 16.43 11.82
C PRO B 168 14.61 15.14 11.22
N THR B 169 14.35 13.98 11.84
CA THR B 169 14.82 12.74 11.24
C THR B 169 13.96 12.27 10.07
N GLY B 170 12.91 13.01 9.71
CA GLY B 170 12.08 12.65 8.58
C GLY B 170 10.92 11.74 8.90
N VAL B 171 10.67 11.46 10.18
CA VAL B 171 9.50 10.69 10.61
C VAL B 171 8.43 11.71 10.98
N HIS B 172 7.23 11.21 11.35
CA HIS B 172 6.04 12.04 11.35
C HIS B 172 5.31 11.92 12.67
N ALA B 173 4.61 12.99 13.02
CA ALA B 173 3.88 13.00 14.27
C ALA B 173 2.49 13.60 14.05
N GLY B 174 1.54 13.15 14.85
CA GLY B 174 0.19 13.69 14.69
C GLY B 174 -0.67 13.31 15.89
N THR B 175 -1.99 13.47 15.74
CA THR B 175 -2.91 13.35 16.86
C THR B 175 -3.92 12.26 16.63
N ASP B 176 -4.66 11.91 17.68
CA ASP B 176 -5.90 11.20 17.39
C ASP B 176 -6.94 12.22 16.91
N LEU B 177 -8.18 11.72 16.65
CA LEU B 177 -9.15 12.63 16.07
C LEU B 177 -9.84 13.48 17.12
N GLU B 178 -9.49 13.29 18.40
CA GLU B 178 -9.88 14.20 19.47
C GLU B 178 -8.77 15.22 19.74
N GLY B 179 -7.72 15.22 18.93
CA GLY B 179 -6.72 16.27 19.00
C GLY B 179 -5.60 16.04 19.97
N ASN B 180 -5.51 14.86 20.58
CA ASN B 180 -4.44 14.54 21.53
C ASN B 180 -3.23 14.02 20.76
N PHE B 181 -2.04 14.63 20.92
CA PHE B 181 -0.89 14.08 20.21
C PHE B 181 -0.59 12.65 20.64
N TYR B 182 -0.09 11.85 19.69
CA TYR B 182 0.66 10.68 20.04
C TYR B 182 2.09 11.15 20.30
N GLY B 183 2.63 10.81 21.44
CA GLY B 183 4.00 11.16 21.73
C GLY B 183 4.18 12.54 22.35
N PRO B 184 5.43 12.83 22.67
CA PRO B 184 5.76 14.03 23.46
C PRO B 184 5.95 15.28 22.60
N PHE B 185 5.09 15.47 21.62
CA PHE B 185 5.18 16.53 20.62
C PHE B 185 4.14 17.62 20.82
N VAL B 186 4.45 18.79 20.27
CA VAL B 186 3.56 19.94 20.30
C VAL B 186 3.46 20.54 18.91
N ASP B 187 2.32 21.16 18.61
CA ASP B 187 2.11 21.73 17.27
C ASP B 187 2.67 23.14 17.21
N ARG B 188 3.99 23.20 17.08
CA ARG B 188 4.72 24.46 16.94
C ARG B 188 5.85 24.22 15.95
N GLN B 189 6.23 25.27 15.24
CA GLN B 189 7.26 25.17 14.19
C GLN B 189 8.65 25.21 14.85
N THR B 190 8.97 24.14 15.56
CA THR B 190 10.28 23.98 16.19
C THR B 190 10.79 22.56 15.99
N ALA B 191 12.12 22.43 15.98
CA ALA B 191 12.73 21.11 15.93
C ALA B 191 12.42 20.37 17.22
N GLN B 192 11.85 19.19 17.07
CA GLN B 192 11.52 18.37 18.20
C GLN B 192 12.10 17.01 17.87
N ALA B 193 12.66 16.34 18.83
CA ALA B 193 13.33 15.10 18.48
C ALA B 193 12.49 13.91 18.90
N ALA B 194 12.42 12.94 18.00
CA ALA B 194 11.89 11.64 18.35
C ALA B 194 12.85 10.93 19.30
N GLY B 195 12.31 10.24 20.30
CA GLY B 195 13.11 9.37 21.13
C GLY B 195 13.72 8.22 20.34
N THR B 196 14.66 7.55 20.99
CA THR B 196 15.22 6.35 20.38
C THR B 196 14.12 5.33 20.17
N ASP B 197 14.05 4.80 18.97
CA ASP B 197 13.01 3.85 18.66
C ASP B 197 13.49 2.45 18.98
N THR B 198 12.53 1.53 19.12
CA THR B 198 12.80 0.11 19.35
C THR B 198 11.97 -0.69 18.37
N THR B 199 12.25 -1.97 18.31
CA THR B 199 11.56 -2.87 17.37
C THR B 199 10.37 -3.53 18.06
N ILE B 200 9.25 -3.69 17.33
CA ILE B 200 8.02 -4.19 17.91
C ILE B 200 8.08 -5.72 17.84
N THR B 201 8.40 -6.37 18.96
CA THR B 201 8.69 -7.81 18.99
C THR B 201 7.50 -8.67 18.56
N VAL B 202 6.32 -8.37 19.10
CA VAL B 202 5.17 -9.22 18.77
C VAL B 202 4.85 -9.18 17.28
N ASN B 203 5.12 -8.05 16.63
CA ASN B 203 4.91 -7.94 15.20
C ASN B 203 5.97 -8.72 14.41
N VAL B 204 7.24 -8.65 14.84
CA VAL B 204 8.23 -9.50 14.17
C VAL B 204 7.83 -10.96 14.25
N LEU B 205 7.37 -11.42 15.43
CA LEU B 205 6.92 -12.82 15.55
C LEU B 205 5.74 -13.10 14.62
N ALA B 206 4.78 -12.16 14.54
CA ALA B 206 3.67 -12.34 13.62
C ALA B 206 4.16 -12.54 12.19
N TRP B 207 5.16 -11.75 11.78
CA TRP B 207 5.65 -11.84 10.42
C TRP B 207 6.43 -13.15 10.18
N LEU B 208 7.14 -13.65 11.20
CA LEU B 208 7.75 -14.99 11.06
C LEU B 208 6.68 -16.05 10.86
N TYR B 209 5.53 -15.90 11.56
CA TYR B 209 4.43 -16.83 11.30
C TYR B 209 3.89 -16.69 9.87
N ALA B 210 3.71 -15.44 9.40
CA ALA B 210 3.36 -15.23 8.00
C ALA B 210 4.35 -15.95 7.07
N ALA B 211 5.65 -15.90 7.40
CA ALA B 211 6.63 -16.53 6.54
C ALA B 211 6.45 -18.05 6.51
N VAL B 212 6.17 -18.62 7.68
CA VAL B 212 5.91 -20.06 7.72
C VAL B 212 4.67 -20.41 6.94
N ILE B 213 3.59 -19.63 7.10
CA ILE B 213 2.36 -19.89 6.35
C ILE B 213 2.63 -19.87 4.86
N ASN B 214 3.55 -19.02 4.42
CA ASN B 214 3.93 -18.90 3.01
C ASN B 214 5.09 -19.80 2.59
N GLY B 215 5.55 -20.69 3.45
CA GLY B 215 6.43 -21.74 3.03
C GLY B 215 7.88 -21.50 3.32
N ASP B 216 8.21 -20.40 4.00
CA ASP B 216 9.59 -19.98 4.25
C ASP B 216 9.87 -20.41 5.67
N ARG B 217 10.75 -21.41 5.85
CA ARG B 217 10.87 -22.15 7.10
C ARG B 217 12.29 -22.36 7.59
N TRP B 218 13.30 -21.83 6.90
CA TRP B 218 14.68 -22.18 7.19
C TRP B 218 15.10 -21.79 8.60
N PHE B 219 14.42 -20.83 9.21
CA PHE B 219 14.82 -20.32 10.52
C PHE B 219 14.20 -21.10 11.68
N LEU B 220 13.32 -22.07 11.41
CA LEU B 220 12.80 -22.90 12.49
C LEU B 220 13.91 -23.80 13.03
N ASN B 221 13.84 -24.13 14.33
CA ASN B 221 14.90 -24.92 14.96
C ASN B 221 14.31 -25.72 16.09
N ARG B 222 15.15 -26.60 16.68
CA ARG B 222 14.67 -27.55 17.67
C ARG B 222 14.52 -26.95 19.05
N PHE B 223 14.91 -25.69 19.24
CA PHE B 223 15.02 -25.18 20.59
C PHE B 223 13.74 -24.44 21.01
N THR B 224 13.59 -24.29 22.29
CA THR B 224 12.54 -23.42 22.79
C THR B 224 13.15 -22.51 23.86
N THR B 225 12.37 -21.57 24.38
CA THR B 225 12.91 -20.68 25.39
C THR B 225 11.79 -20.36 26.37
N THR B 226 12.12 -19.59 27.40
CA THR B 226 11.11 -19.00 28.28
C THR B 226 10.91 -17.52 28.00
N LEU B 227 9.79 -16.99 28.50
CA LEU B 227 9.54 -15.55 28.35
C LEU B 227 10.67 -14.76 28.98
N ASN B 228 11.07 -15.12 30.20
CA ASN B 228 12.09 -14.37 30.95
C ASN B 228 13.43 -14.34 30.19
N ASP B 229 13.91 -15.49 29.71
CA ASP B 229 15.19 -15.51 29.00
C ASP B 229 15.08 -14.76 27.67
N PHE B 230 13.96 -14.98 26.95
CA PHE B 230 13.79 -14.26 25.70
C PHE B 230 13.83 -12.75 25.95
N ASN B 231 13.18 -12.28 27.02
CA ASN B 231 13.16 -10.84 27.27
C ASN B 231 14.52 -10.28 27.61
N LEU B 232 15.40 -11.08 28.22
CA LEU B 232 16.78 -10.61 28.34
C LEU B 232 17.41 -10.37 26.97
N VAL B 233 17.15 -11.28 26.02
CA VAL B 233 17.69 -11.06 24.67
C VAL B 233 17.03 -9.84 24.02
N ALA B 234 15.71 -9.72 24.14
CA ALA B 234 15.02 -8.59 23.53
C ALA B 234 15.60 -7.28 24.03
N MET B 235 15.80 -7.19 25.36
CA MET B 235 16.35 -5.97 25.91
C MET B 235 17.72 -5.68 25.32
N LYS B 236 18.55 -6.71 25.14
CA LYS B 236 19.89 -6.46 24.61
C LYS B 236 19.89 -5.99 23.15
N TYR B 237 18.87 -6.32 22.35
CA TYR B 237 18.84 -5.91 20.95
C TYR B 237 17.84 -4.77 20.69
N ASN B 238 17.45 -4.07 21.75
CA ASN B 238 16.54 -2.91 21.64
C ASN B 238 15.20 -3.33 21.01
N TYR B 239 14.70 -4.47 21.44
CA TYR B 239 13.37 -4.98 21.10
C TYR B 239 12.46 -4.72 22.29
N GLU B 240 11.19 -4.47 22.01
CA GLU B 240 10.22 -4.28 23.07
C GLU B 240 10.08 -5.58 23.88
N PRO B 241 9.78 -5.49 25.18
CA PRO B 241 9.52 -6.72 25.94
C PRO B 241 8.29 -7.43 25.39
N LEU B 242 8.35 -8.75 25.46
CA LEU B 242 7.23 -9.60 25.05
C LEU B 242 6.48 -9.96 26.32
N THR B 243 5.19 -9.67 26.36
CA THR B 243 4.37 -9.98 27.52
C THR B 243 3.58 -11.26 27.28
N GLN B 244 2.98 -11.79 28.35
CA GLN B 244 2.08 -12.93 28.19
C GLN B 244 0.86 -12.57 27.33
N ASP B 245 0.40 -11.32 27.40
CA ASP B 245 -0.69 -10.88 26.53
C ASP B 245 -0.33 -11.02 25.06
N HIS B 246 0.92 -10.68 24.72
CA HIS B 246 1.38 -10.89 23.34
C HIS B 246 1.36 -12.35 22.97
N VAL B 247 1.74 -13.22 23.89
CA VAL B 247 1.72 -14.65 23.60
C VAL B 247 0.30 -15.10 23.29
N ASP B 248 -0.66 -14.63 24.10
CA ASP B 248 -2.07 -14.94 23.86
C ASP B 248 -2.56 -14.38 22.52
N ILE B 249 -2.17 -13.15 22.20
CA ILE B 249 -2.59 -12.53 20.95
C ILE B 249 -2.05 -13.30 19.74
N LEU B 250 -0.88 -13.93 19.88
CA LEU B 250 -0.35 -14.74 18.79
C LEU B 250 -0.99 -16.10 18.74
N GLY B 251 -1.83 -16.40 19.74
CA GLY B 251 -2.59 -17.63 19.75
C GLY B 251 -3.26 -18.05 18.42
N PRO B 252 -4.02 -17.20 17.74
CA PRO B 252 -4.61 -17.65 16.46
C PRO B 252 -3.57 -18.06 15.41
N LEU B 253 -2.45 -17.32 15.27
CA LEU B 253 -1.43 -17.73 14.30
C LEU B 253 -0.69 -18.97 14.75
N SER B 254 -0.47 -19.09 16.05
CA SER B 254 0.17 -20.29 16.57
C SER B 254 -0.72 -21.50 16.29
N ALA B 255 -2.05 -21.28 16.31
CA ALA B 255 -3.00 -22.34 15.99
C ALA B 255 -2.99 -22.66 14.50
N GLN B 256 -3.02 -21.62 13.65
CA GLN B 256 -3.06 -21.85 12.20
C GLN B 256 -1.79 -22.54 11.73
N THR B 257 -0.66 -22.30 12.40
CA THR B 257 0.60 -22.90 11.97
C THR B 257 1.00 -24.09 12.80
N GLY B 258 0.41 -24.25 13.98
CA GLY B 258 0.89 -25.30 14.85
C GLY B 258 2.25 -25.07 15.49
N ILE B 259 2.75 -23.84 15.52
CA ILE B 259 4.07 -23.56 16.11
C ILE B 259 3.87 -22.71 17.37
N ALA B 260 4.30 -23.26 18.51
CA ALA B 260 4.19 -22.56 19.80
C ALA B 260 4.96 -21.25 19.80
N VAL B 261 4.41 -20.23 20.47
CA VAL B 261 5.04 -18.93 20.45
C VAL B 261 6.47 -19.01 21.00
N LEU B 262 6.70 -19.73 22.11
CA LEU B 262 8.06 -19.74 22.65
C LEU B 262 9.06 -20.53 21.79
N ASP B 263 8.55 -21.43 20.94
CA ASP B 263 9.38 -22.07 19.93
C ASP B 263 9.83 -21.05 18.88
N MET B 264 8.89 -20.23 18.41
CA MET B 264 9.23 -19.18 17.46
C MET B 264 10.15 -18.14 18.09
N CYS B 265 9.95 -17.85 19.39
CA CYS B 265 10.86 -16.96 20.07
C CYS B 265 12.26 -17.49 20.05
N ALA B 266 12.43 -18.83 20.19
CA ALA B 266 13.79 -19.36 20.07
C ALA B 266 14.35 -19.15 18.65
N SER B 267 13.48 -19.21 17.62
CA SER B 267 13.96 -18.84 16.28
C SER B 267 14.42 -17.37 16.21
N LEU B 268 13.57 -16.45 16.71
CA LEU B 268 13.93 -15.04 16.68
C LEU B 268 15.19 -14.78 17.50
N LYS B 269 15.31 -15.41 18.67
CA LYS B 269 16.55 -15.26 19.42
C LYS B 269 17.75 -15.59 18.55
N GLU B 270 17.69 -16.73 17.85
CA GLU B 270 18.85 -17.08 17.04
C GLU B 270 19.09 -16.09 15.91
N LEU B 271 18.01 -15.58 15.29
CA LEU B 271 18.21 -14.59 14.21
C LEU B 271 18.88 -13.32 14.76
N LEU B 272 18.47 -12.88 15.94
CA LEU B 272 19.07 -11.69 16.51
C LEU B 272 20.53 -11.92 16.86
N GLN B 273 20.84 -13.09 17.40
CA GLN B 273 22.22 -13.35 17.82
C GLN B 273 23.15 -13.61 16.63
N ASN B 274 22.66 -14.22 15.54
CA ASN B 274 23.48 -14.70 14.42
C ASN B 274 23.24 -14.00 13.09
N GLY B 275 22.15 -13.26 12.93
CA GLY B 275 21.76 -12.75 11.63
C GLY B 275 21.16 -13.81 10.74
N MET B 276 20.99 -13.44 9.47
CA MET B 276 20.33 -14.26 8.46
C MET B 276 21.32 -15.02 7.61
N ASN B 277 22.63 -14.81 7.80
CA ASN B 277 23.66 -15.54 7.04
C ASN B 277 23.37 -15.48 5.54
N GLY B 278 23.01 -14.30 5.05
CA GLY B 278 22.78 -14.08 3.65
C GLY B 278 21.43 -14.51 3.11
N ARG B 279 20.54 -15.03 3.95
CA ARG B 279 19.25 -15.47 3.45
C ARG B 279 18.20 -14.37 3.63
N THR B 280 17.01 -14.59 3.08
CA THR B 280 15.93 -13.63 3.27
C THR B 280 14.72 -14.36 3.79
N ILE B 281 13.78 -13.57 4.31
CA ILE B 281 12.49 -14.05 4.79
C ILE B 281 11.42 -13.21 4.14
N LEU B 282 10.51 -13.85 3.41
CA LEU B 282 9.47 -13.11 2.70
C LEU B 282 10.07 -11.95 1.92
N GLY B 283 11.25 -12.18 1.35
CA GLY B 283 11.83 -11.19 0.47
C GLY B 283 12.59 -10.09 1.17
N SER B 284 12.75 -10.17 2.47
CA SER B 284 13.36 -9.09 3.23
C SER B 284 14.64 -9.60 3.86
N ALA B 285 15.65 -8.71 3.91
CA ALA B 285 16.86 -9.01 4.66
C ALA B 285 16.86 -8.38 6.04
N LEU B 286 15.77 -7.70 6.42
CA LEU B 286 15.58 -7.16 7.76
C LEU B 286 14.40 -7.88 8.40
N LEU B 287 14.35 -7.84 9.73
CA LEU B 287 13.22 -8.38 10.47
C LEU B 287 12.10 -7.33 10.44
N GLU B 288 11.00 -7.63 9.75
CA GLU B 288 9.93 -6.65 9.54
C GLU B 288 9.05 -6.57 10.78
N ASP B 289 8.73 -5.34 11.22
CA ASP B 289 7.92 -5.24 12.43
C ASP B 289 6.66 -4.40 12.24
N GLU B 290 6.21 -4.18 11.01
CA GLU B 290 4.98 -3.41 10.84
C GLU B 290 3.80 -4.25 10.34
N PHE B 291 3.75 -5.55 10.68
CA PHE B 291 2.53 -6.38 10.59
C PHE B 291 2.12 -6.86 11.96
N THR B 292 0.90 -6.55 12.38
CA THR B 292 0.39 -7.11 13.63
C THR B 292 -0.11 -8.53 13.43
N PRO B 293 -0.34 -9.27 14.51
CA PRO B 293 -0.93 -10.61 14.36
C PRO B 293 -2.24 -10.57 13.60
N PHE B 294 -3.08 -9.57 13.90
CA PHE B 294 -4.35 -9.49 13.18
C PHE B 294 -4.12 -9.21 11.71
N ASP B 295 -3.11 -8.38 11.38
CA ASP B 295 -2.81 -8.13 9.98
C ASP B 295 -2.51 -9.42 9.24
N VAL B 296 -1.72 -10.32 9.86
CA VAL B 296 -1.33 -11.56 9.23
C VAL B 296 -2.56 -12.43 9.02
N VAL B 297 -3.38 -12.56 10.06
CA VAL B 297 -4.61 -13.35 9.92
C VAL B 297 -5.54 -12.79 8.84
N ARG B 298 -5.74 -11.46 8.81
CA ARG B 298 -6.64 -10.82 7.85
C ARG B 298 -6.16 -11.04 6.43
N GLN B 299 -4.84 -10.98 6.22
CA GLN B 299 -4.39 -11.13 4.85
C GLN B 299 -4.40 -12.59 4.43
N CYS B 300 -4.00 -13.49 5.31
CA CYS B 300 -3.86 -14.87 4.91
C CYS B 300 -5.21 -15.58 4.83
N SER B 301 -6.29 -14.98 5.35
CA SER B 301 -7.63 -15.55 5.24
C SER B 301 -8.57 -14.80 4.28
N GLY B 302 -8.12 -13.72 3.64
CA GLY B 302 -9.00 -13.12 2.64
C GLY B 302 -10.18 -12.36 3.20
N VAL B 303 -10.04 -11.79 4.41
CA VAL B 303 -11.13 -11.03 5.04
C VAL B 303 -11.50 -9.82 4.19
N THR B 304 -12.81 -9.61 3.96
CA THR B 304 -13.28 -8.48 3.15
C THR B 304 -14.06 -7.45 3.94
N PHE B 305 -14.15 -6.25 3.37
CA PHE B 305 -14.85 -5.12 4.00
C PHE B 305 -16.04 -4.58 3.22
N LEU C 2 -5.73 -22.11 -11.42
CA LEU C 2 -6.55 -20.96 -11.74
C LEU C 2 -7.13 -20.54 -10.40
N LEU D 2 5.66 22.11 10.77
CA LEU D 2 4.29 21.72 10.59
C LEU D 2 4.02 21.44 9.10
#